data_1BG4
#
_entry.id   1BG4
#
_cell.length_a   81.020
_cell.length_b   81.020
_cell.length_c   113.400
_cell.angle_alpha   90.00
_cell.angle_beta   90.00
_cell.angle_gamma   120.00
#
_symmetry.space_group_name_H-M   'P 31 2 1'
#
loop_
_entity.id
_entity.type
_entity.pdbx_description
1 polymer ENDO-1,4-BETA-XYLANASE
2 non-polymer 'SODIUM ION'
3 non-polymer 2-AMINO-2-HYDROXYMETHYL-PROPANE-1,3-DIOL
4 non-polymer GLYCEROL
5 water water
#
_entity_poly.entity_id   1
_entity_poly.type   'polypeptide(L)'
_entity_poly.pdbx_seq_one_letter_code
;(PCA)ASVSIDAKFKAHGKKYLGTIGDQYTLTKNTKNPAIIKADFGQLTPENSMKWDATEPNRGQFTFSGSDYLVNFAQS
NGKLIRGHTLVWHSQLPGWVSSITDKNTLISVLKNHITTVMTRYKGKIYAWDVLNEIFNEDGSLRNSVFYNVIGEDYVRI
AFETARSVDPNAKLYINDYNLDSAGYSKVNGMVSHVKKWLAAGIPIDGIGSQTHLGAGAGSAVAGALNALASAGTKEIAI
TELDIAGASSTDYVNVVNACLNQAKCVGITVWGVADPDSWRSSSSPLLFDGNYNPKAAYNAIANAL
;
_entity_poly.pdbx_strand_id   A
#
loop_
_chem_comp.id
_chem_comp.type
_chem_comp.name
_chem_comp.formula
GOL non-polymer GLYCEROL 'C3 H8 O3'
NA non-polymer 'SODIUM ION' 'Na 1'
TRS non-polymer 2-AMINO-2-HYDROXYMETHYL-PROPANE-1,3-DIOL 'C4 H12 N O3 1'
#
# COMPACT_ATOMS: atom_id res chain seq x y z
N PCA A 1 -4.70 1.38 23.46
CA PCA A 1 -3.29 1.53 23.10
CB PCA A 1 -2.96 3.00 23.40
CG PCA A 1 -4.23 3.59 23.98
CD PCA A 1 -5.25 2.47 23.96
OE PCA A 1 -6.43 2.58 24.32
C PCA A 1 -2.40 0.62 23.91
O PCA A 1 -2.56 0.50 25.13
N ALA A 2 -1.51 -0.10 23.23
CA ALA A 2 -0.57 -0.99 23.88
C ALA A 2 0.55 -0.09 24.43
N SER A 3 1.00 -0.41 25.63
CA SER A 3 2.05 0.35 26.30
C SER A 3 3.34 0.42 25.47
N VAL A 4 3.68 -0.69 24.83
CA VAL A 4 4.87 -0.77 23.98
C VAL A 4 4.46 -0.55 22.53
N SER A 5 5.10 0.39 21.85
CA SER A 5 4.78 0.67 20.47
C SER A 5 5.65 -0.13 19.53
N ILE A 6 5.05 -1.00 18.71
CA ILE A 6 5.84 -1.78 17.77
C ILE A 6 6.46 -0.92 16.69
N ASP A 7 5.85 0.22 16.40
CA ASP A 7 6.39 1.15 15.41
C ASP A 7 7.67 1.75 15.96
N ALA A 8 7.65 2.12 17.23
CA ALA A 8 8.83 2.69 17.88
C ALA A 8 9.95 1.66 17.89
N LYS A 9 9.63 0.42 18.22
CA LYS A 9 10.65 -0.63 18.25
C LYS A 9 11.19 -0.93 16.84
N PHE A 10 10.32 -0.86 15.83
CA PHE A 10 10.73 -1.11 14.45
C PHE A 10 11.66 -0.01 13.95
N LYS A 11 11.33 1.24 14.26
CA LYS A 11 12.13 2.38 13.86
C LYS A 11 13.53 2.32 14.46
N ALA A 12 13.63 1.79 15.68
CA ALA A 12 14.91 1.65 16.36
C ALA A 12 15.88 0.75 15.57
N HIS A 13 15.35 -0.09 14.70
CA HIS A 13 16.18 -0.98 13.88
C HIS A 13 16.51 -0.36 12.53
N GLY A 14 16.23 0.94 12.38
CA GLY A 14 16.52 1.63 11.14
C GLY A 14 15.41 1.64 10.11
N LYS A 15 14.23 1.15 10.47
CA LYS A 15 13.10 1.13 9.53
C LYS A 15 12.37 2.46 9.61
N LYS A 16 11.62 2.80 8.56
CA LYS A 16 10.89 4.06 8.53
C LYS A 16 9.60 4.08 9.33
N TYR A 17 8.91 2.96 9.39
CA TYR A 17 7.64 2.90 10.11
C TYR A 17 7.03 1.51 10.15
N LEU A 18 6.06 1.34 11.04
CA LEU A 18 5.25 0.13 11.13
C LEU A 18 3.90 0.84 11.26
N GLY A 19 3.14 0.84 10.19
CA GLY A 19 1.88 1.55 10.18
C GLY A 19 0.62 0.74 10.04
N THR A 20 -0.47 1.44 9.75
CA THR A 20 -1.77 0.80 9.61
C THR A 20 -2.65 1.67 8.72
N ILE A 21 -3.95 1.44 8.75
CA ILE A 21 -4.88 2.20 7.92
C ILE A 21 -5.97 2.90 8.69
N GLY A 22 -6.67 3.80 8.00
CA GLY A 22 -7.76 4.52 8.61
C GLY A 22 -8.56 5.34 7.62
N ASP A 23 -9.60 5.97 8.15
CA ASP A 23 -10.51 6.83 7.39
C ASP A 23 -11.49 7.35 8.43
N GLN A 24 -12.30 8.33 8.09
CA GLN A 24 -13.19 8.93 9.09
C GLN A 24 -13.94 8.00 10.03
N TYR A 25 -14.58 6.97 9.51
CA TYR A 25 -15.33 6.04 10.35
C TYR A 25 -14.51 5.34 11.42
N THR A 26 -13.49 4.57 11.02
CA THR A 26 -12.70 3.85 12.01
C THR A 26 -11.96 4.78 12.97
N LEU A 27 -11.69 6.01 12.53
CA LEU A 27 -10.99 6.98 13.35
C LEU A 27 -11.91 7.65 14.37
N THR A 28 -13.22 7.43 14.24
CA THR A 28 -14.18 8.05 15.15
C THR A 28 -15.20 7.10 15.78
N LYS A 29 -15.20 5.83 15.36
CA LYS A 29 -16.16 4.85 15.87
C LYS A 29 -16.09 4.55 17.37
N ASN A 30 -14.92 4.80 17.96
CA ASN A 30 -14.72 4.60 19.39
C ASN A 30 -13.46 5.34 19.81
N THR A 31 -13.10 5.26 21.08
CA THR A 31 -11.91 5.97 21.54
C THR A 31 -10.62 5.17 21.44
N LYS A 32 -10.72 3.85 21.55
CA LYS A 32 -9.54 2.99 21.48
C LYS A 32 -8.84 2.93 20.13
N ASN A 33 -9.61 2.92 19.04
CA ASN A 33 -8.98 2.82 17.72
C ASN A 33 -8.05 3.97 17.39
N PRO A 34 -8.53 5.22 17.46
CA PRO A 34 -7.63 6.33 17.15
C PRO A 34 -6.47 6.42 18.14
N ALA A 35 -6.73 6.03 19.39
CA ALA A 35 -5.71 6.03 20.45
C ALA A 35 -4.61 5.03 20.13
N ILE A 36 -5.00 3.85 19.63
CA ILE A 36 -4.05 2.80 19.26
C ILE A 36 -3.19 3.30 18.09
N ILE A 37 -3.83 3.94 17.12
CA ILE A 37 -3.14 4.47 15.96
C ILE A 37 -2.08 5.49 16.35
N LYS A 38 -2.44 6.42 17.23
CA LYS A 38 -1.50 7.44 17.66
C LYS A 38 -0.36 6.91 18.54
N ALA A 39 -0.66 5.92 19.37
CA ALA A 39 0.35 5.37 20.27
C ALA A 39 1.25 4.27 19.73
N ASP A 40 0.73 3.40 18.88
CA ASP A 40 1.52 2.26 18.41
C ASP A 40 1.93 2.17 16.95
N PHE A 41 1.44 3.07 16.10
CA PHE A 41 1.77 3.02 14.68
C PHE A 41 2.35 4.37 14.24
N GLY A 42 3.21 4.36 13.23
CA GLY A 42 3.82 5.61 12.78
C GLY A 42 3.48 6.01 11.36
N GLN A 43 2.51 5.34 10.75
CA GLN A 43 2.13 5.63 9.37
C GLN A 43 0.68 5.22 9.10
N LEU A 44 0.06 5.89 8.14
CA LEU A 44 -1.32 5.62 7.76
C LEU A 44 -1.54 5.61 6.24
N THR A 45 -2.38 4.69 5.80
CA THR A 45 -2.78 4.57 4.41
C THR A 45 -4.31 4.72 4.46
N PRO A 46 -4.89 5.56 3.59
CA PRO A 46 -6.35 5.69 3.64
C PRO A 46 -6.95 4.39 3.10
N GLU A 47 -7.84 3.77 3.86
CA GLU A 47 -8.43 2.51 3.43
C GLU A 47 -9.21 2.60 2.13
N ASN A 48 -9.89 3.72 1.89
CA ASN A 48 -10.71 3.90 0.67
C ASN A 48 -10.85 5.33 0.13
N SER A 49 -10.72 6.33 1.00
CA SER A 49 -10.93 7.71 0.60
C SER A 49 -10.15 8.30 -0.56
N MET A 50 -8.99 7.72 -0.87
CA MET A 50 -8.18 8.24 -1.98
C MET A 50 -8.30 7.48 -3.30
N LYS A 51 -9.13 6.44 -3.34
CA LYS A 51 -9.32 5.67 -4.56
C LYS A 51 -10.09 6.49 -5.59
N TRP A 52 -10.02 6.08 -6.86
CA TRP A 52 -10.65 6.81 -7.95
C TRP A 52 -12.16 7.01 -7.77
N ASP A 53 -12.87 5.98 -7.33
CA ASP A 53 -14.31 6.11 -7.13
C ASP A 53 -14.66 7.16 -6.09
N ALA A 54 -13.80 7.32 -5.09
CA ALA A 54 -14.03 8.27 -4.02
C ALA A 54 -13.48 9.67 -4.24
N THR A 55 -12.58 9.83 -5.21
CA THR A 55 -11.97 11.13 -5.47
C THR A 55 -12.44 11.83 -6.74
N GLU A 56 -12.80 11.07 -7.77
CA GLU A 56 -13.26 11.67 -9.02
C GLU A 56 -14.42 10.82 -9.51
N PRO A 57 -15.57 10.92 -8.83
CA PRO A 57 -16.77 10.16 -9.18
C PRO A 57 -17.33 10.47 -10.57
N ASN A 58 -17.08 11.68 -11.05
CA ASN A 58 -17.55 12.11 -12.37
C ASN A 58 -16.35 12.75 -13.05
N ARG A 59 -16.35 12.71 -14.39
CA ARG A 59 -15.25 13.26 -15.16
C ARG A 59 -14.89 14.70 -14.82
N GLY A 60 -13.67 14.87 -14.30
CA GLY A 60 -13.17 16.19 -13.93
C GLY A 60 -13.79 16.83 -12.69
N GLN A 61 -14.59 16.07 -11.94
CA GLN A 61 -15.23 16.57 -10.74
C GLN A 61 -14.74 15.77 -9.56
N PHE A 62 -13.99 16.44 -8.70
CA PHE A 62 -13.35 15.81 -7.54
C PHE A 62 -14.05 16.03 -6.20
N THR A 63 -13.96 15.01 -5.35
CA THR A 63 -14.55 15.01 -4.03
C THR A 63 -13.48 14.61 -3.01
N PHE A 64 -12.95 15.59 -2.30
CA PHE A 64 -11.87 15.33 -1.37
C PHE A 64 -12.15 15.38 0.12
N SER A 65 -13.42 15.38 0.52
CA SER A 65 -13.72 15.47 1.95
C SER A 65 -13.09 14.33 2.78
N GLY A 66 -13.32 13.09 2.37
CA GLY A 66 -12.77 11.97 3.12
C GLY A 66 -11.26 11.88 3.12
N SER A 67 -10.64 12.13 1.96
CA SER A 67 -9.18 12.05 1.87
C SER A 67 -8.54 13.20 2.66
N ASP A 68 -9.18 14.37 2.63
CA ASP A 68 -8.70 15.53 3.39
C ASP A 68 -8.66 15.16 4.86
N TYR A 69 -9.72 14.51 5.35
CA TYR A 69 -9.78 14.12 6.75
C TYR A 69 -8.65 13.19 7.16
N LEU A 70 -8.42 12.14 6.37
CA LEU A 70 -7.36 11.17 6.68
C LEU A 70 -6.00 11.86 6.66
N VAL A 71 -5.71 12.63 5.62
CA VAL A 71 -4.43 13.33 5.50
C VAL A 71 -4.23 14.30 6.67
N ASN A 72 -5.27 15.06 6.99
CA ASN A 72 -5.20 16.02 8.09
C ASN A 72 -5.00 15.32 9.43
N PHE A 73 -5.62 14.17 9.63
CA PHE A 73 -5.43 13.45 10.88
C PHE A 73 -3.98 12.95 11.00
N ALA A 74 -3.50 12.30 9.94
CA ALA A 74 -2.14 11.79 9.91
C ALA A 74 -1.15 12.91 10.16
N GLN A 75 -1.22 13.95 9.35
CA GLN A 75 -0.33 15.09 9.47
C GLN A 75 -0.39 15.75 10.86
N SER A 76 -1.59 15.91 11.39
CA SER A 76 -1.76 16.54 12.71
C SER A 76 -1.24 15.67 13.85
N ASN A 77 -0.92 14.41 13.57
CA ASN A 77 -0.44 13.52 14.61
C ASN A 77 0.90 12.83 14.31
N GLY A 78 1.71 13.50 13.50
CA GLY A 78 3.03 12.98 13.17
C GLY A 78 3.11 11.63 12.49
N LYS A 79 2.10 11.28 11.70
CA LYS A 79 2.08 10.00 11.00
C LYS A 79 2.42 10.15 9.52
N LEU A 80 3.31 9.29 9.02
CA LEU A 80 3.66 9.30 7.60
C LEU A 80 2.41 8.84 6.85
N ILE A 81 2.29 9.23 5.59
CA ILE A 81 1.13 8.85 4.77
C ILE A 81 1.52 8.15 3.47
N ARG A 82 0.83 7.06 3.15
CA ARG A 82 1.04 6.39 1.87
C ARG A 82 -0.25 6.64 1.08
N GLY A 83 -0.15 7.43 0.01
CA GLY A 83 -1.31 7.71 -0.84
C GLY A 83 -1.71 6.44 -1.57
N HIS A 84 -3.02 6.18 -1.67
CA HIS A 84 -3.49 4.93 -2.26
C HIS A 84 -4.93 5.11 -2.79
N THR A 85 -5.26 4.70 -4.01
CA THR A 85 -4.16 4.45 -4.96
C THR A 85 -4.58 5.19 -6.24
N LEU A 86 -3.62 5.60 -7.08
CA LEU A 86 -3.93 6.37 -8.28
C LEU A 86 -4.50 5.73 -9.54
N VAL A 87 -3.97 4.56 -9.92
CA VAL A 87 -4.43 3.87 -11.13
C VAL A 87 -4.72 2.43 -10.73
N TRP A 88 -5.96 2.02 -10.92
CA TRP A 88 -6.37 0.68 -10.52
C TRP A 88 -7.63 0.29 -11.29
N HIS A 89 -7.75 -0.99 -11.65
CA HIS A 89 -8.91 -1.47 -12.39
C HIS A 89 -10.14 -1.63 -11.49
N SER A 90 -9.92 -1.73 -10.18
CA SER A 90 -11.00 -1.90 -9.21
C SER A 90 -11.36 -0.54 -8.60
N GLN A 91 -12.60 -0.44 -8.10
CA GLN A 91 -13.09 0.80 -7.49
C GLN A 91 -12.86 2.00 -8.43
N LEU A 92 -13.12 1.75 -9.71
CA LEU A 92 -12.96 2.71 -10.77
C LEU A 92 -14.33 3.04 -11.36
N PRO A 93 -14.68 4.33 -11.44
CA PRO A 93 -15.96 4.76 -11.98
C PRO A 93 -16.20 4.30 -13.41
N GLY A 94 -17.46 4.00 -13.74
CA GLY A 94 -17.80 3.57 -15.08
C GLY A 94 -17.44 4.58 -16.17
N TRP A 95 -17.41 5.87 -15.82
CA TRP A 95 -17.06 6.88 -16.81
C TRP A 95 -15.64 6.70 -17.34
N VAL A 96 -14.77 6.10 -16.51
CA VAL A 96 -13.37 5.88 -16.90
C VAL A 96 -13.26 4.58 -17.72
N SER A 97 -13.82 3.50 -17.21
CA SER A 97 -13.74 2.21 -17.87
C SER A 97 -14.45 2.11 -19.22
N SER A 98 -15.33 3.07 -19.51
CA SER A 98 -16.03 3.05 -20.78
C SER A 98 -15.31 3.85 -21.87
N ILE A 99 -14.21 4.53 -21.51
CA ILE A 99 -13.44 5.30 -22.48
C ILE A 99 -12.72 4.33 -23.42
N THR A 100 -12.79 4.60 -24.72
CA THR A 100 -12.17 3.75 -25.72
C THR A 100 -11.07 4.42 -26.56
N ASP A 101 -10.99 5.75 -26.53
CA ASP A 101 -9.97 6.49 -27.29
C ASP A 101 -8.72 6.66 -26.43
N LYS A 102 -7.57 6.25 -26.98
CA LYS A 102 -6.29 6.32 -26.28
C LYS A 102 -5.91 7.68 -25.72
N ASN A 103 -5.87 8.70 -26.56
CA ASN A 103 -5.49 10.04 -26.10
C ASN A 103 -6.46 10.60 -25.05
N THR A 104 -7.74 10.26 -25.19
CA THR A 104 -8.73 10.71 -24.22
C THR A 104 -8.44 10.05 -22.87
N LEU A 105 -8.16 8.75 -22.87
CA LEU A 105 -7.88 8.06 -21.61
C LEU A 105 -6.59 8.57 -20.97
N ILE A 106 -5.60 8.89 -21.80
CA ILE A 106 -4.33 9.42 -21.31
C ILE A 106 -4.55 10.78 -20.62
N SER A 107 -5.35 11.63 -21.26
CA SER A 107 -5.65 12.95 -20.72
C SER A 107 -6.35 12.82 -19.36
N VAL A 108 -7.30 11.90 -19.30
CA VAL A 108 -8.07 11.63 -18.09
C VAL A 108 -7.16 11.12 -16.97
N LEU A 109 -6.31 10.17 -17.32
CA LEU A 109 -5.35 9.56 -16.39
C LEU A 109 -4.40 10.62 -15.81
N LYS A 110 -3.85 11.46 -16.67
CA LYS A 110 -2.92 12.50 -16.23
C LYS A 110 -3.61 13.53 -15.34
N ASN A 111 -4.84 13.88 -15.68
CA ASN A 111 -5.56 14.86 -14.89
C ASN A 111 -5.90 14.29 -13.53
N HIS A 112 -6.24 13.00 -13.48
CA HIS A 112 -6.58 12.39 -12.20
C HIS A 112 -5.34 12.38 -11.30
N ILE A 113 -4.22 11.90 -11.83
CA ILE A 113 -2.97 11.85 -11.08
C ILE A 113 -2.56 13.24 -10.63
N THR A 114 -2.55 14.19 -11.55
CA THR A 114 -2.15 15.55 -11.25
C THR A 114 -3.00 16.23 -10.18
N THR A 115 -4.32 16.15 -10.32
CA THR A 115 -5.21 16.79 -9.35
C THR A 115 -5.09 16.20 -7.94
N VAL A 116 -5.12 14.88 -7.85
CA VAL A 116 -5.03 14.22 -6.54
C VAL A 116 -3.66 14.46 -5.87
N MET A 117 -2.58 14.29 -6.63
CA MET A 117 -1.24 14.48 -6.07
C MET A 117 -0.94 15.93 -5.70
N THR A 118 -1.42 16.87 -6.51
CA THR A 118 -1.20 18.29 -6.25
C THR A 118 -1.85 18.71 -4.94
N ARG A 119 -3.03 18.16 -4.65
CA ARG A 119 -3.73 18.53 -3.42
C ARG A 119 -2.96 18.17 -2.15
N TYR A 120 -2.16 17.11 -2.20
CA TYR A 120 -1.40 16.69 -1.03
C TYR A 120 0.10 16.77 -1.28
N LYS A 121 0.48 17.60 -2.24
CA LYS A 121 1.87 17.77 -2.59
C LYS A 121 2.76 18.08 -1.39
N GLY A 122 3.78 17.24 -1.21
CA GLY A 122 4.71 17.42 -0.11
C GLY A 122 4.31 16.76 1.20
N LYS A 123 3.07 16.29 1.31
CA LYS A 123 2.61 15.65 2.55
C LYS A 123 2.62 14.13 2.47
N ILE A 124 2.93 13.60 1.29
CA ILE A 124 2.90 12.16 1.06
C ILE A 124 4.27 11.48 0.99
N TYR A 125 4.49 10.49 1.86
CA TYR A 125 5.74 9.76 1.85
C TYR A 125 5.86 8.93 0.56
N ALA A 126 4.84 8.15 0.26
CA ALA A 126 4.84 7.30 -0.93
C ALA A 126 3.45 7.19 -1.53
N TRP A 127 3.39 7.07 -2.85
CA TRP A 127 2.12 6.90 -3.57
C TRP A 127 2.09 5.55 -4.27
N ASP A 128 0.98 4.83 -4.12
CA ASP A 128 0.81 3.59 -4.86
C ASP A 128 0.28 4.14 -6.19
N VAL A 129 1.19 4.44 -7.10
CA VAL A 129 0.83 4.98 -8.41
C VAL A 129 0.01 3.97 -9.21
N LEU A 130 0.52 2.74 -9.31
CA LEU A 130 -0.17 1.67 -10.03
C LEU A 130 -0.50 0.56 -9.05
N ASN A 131 -1.71 0.01 -9.15
CA ASN A 131 -2.13 -1.07 -8.25
C ASN A 131 -2.65 -2.26 -9.01
N GLU A 132 -2.15 -3.44 -8.64
CA GLU A 132 -2.56 -4.72 -9.20
C GLU A 132 -2.62 -4.79 -10.73
N ILE A 133 -1.53 -4.44 -11.39
CA ILE A 133 -1.52 -4.47 -12.85
C ILE A 133 -1.04 -5.78 -13.47
N PHE A 134 -0.81 -6.80 -12.63
CA PHE A 134 -0.34 -8.10 -13.12
C PHE A 134 -1.31 -9.25 -12.93
N ASN A 135 -1.32 -10.15 -13.92
CA ASN A 135 -2.12 -11.37 -13.86
C ASN A 135 -1.24 -12.31 -13.01
N GLU A 136 -1.81 -13.38 -12.47
CA GLU A 136 -1.03 -14.29 -11.64
C GLU A 136 0.16 -14.90 -12.37
N ASP A 137 0.03 -15.08 -13.68
CA ASP A 137 1.13 -15.67 -14.46
C ASP A 137 2.28 -14.71 -14.78
N GLY A 138 2.18 -13.47 -14.33
CA GLY A 138 3.23 -12.51 -14.59
C GLY A 138 3.01 -11.61 -15.78
N SER A 139 1.97 -11.89 -16.56
CA SER A 139 1.65 -11.07 -17.71
C SER A 139 0.86 -9.86 -17.23
N LEU A 140 0.77 -8.82 -18.05
CA LEU A 140 0.03 -7.60 -17.70
C LEU A 140 -1.48 -7.80 -17.77
N ARG A 141 -2.17 -7.31 -16.74
CA ARG A 141 -3.62 -7.41 -16.62
C ARG A 141 -4.31 -6.58 -17.69
N ASN A 142 -5.30 -7.17 -18.35
CA ASN A 142 -6.02 -6.44 -19.40
C ASN A 142 -7.11 -5.51 -18.87
N SER A 143 -6.68 -4.52 -18.11
CA SER A 143 -7.58 -3.52 -17.56
C SER A 143 -7.86 -2.54 -18.69
N VAL A 144 -8.73 -1.58 -18.44
CA VAL A 144 -9.04 -0.58 -19.47
C VAL A 144 -7.77 0.19 -19.84
N PHE A 145 -6.92 0.44 -18.86
CA PHE A 145 -5.68 1.18 -19.10
C PHE A 145 -4.78 0.44 -20.07
N TYR A 146 -4.62 -0.85 -19.84
CA TYR A 146 -3.78 -1.68 -20.69
C TYR A 146 -4.42 -1.88 -22.05
N ASN A 147 -5.72 -2.14 -22.08
CA ASN A 147 -6.44 -2.38 -23.32
C ASN A 147 -6.46 -1.16 -24.25
N VAL A 148 -6.71 0.01 -23.66
CA VAL A 148 -6.82 1.24 -24.43
C VAL A 148 -5.51 1.98 -24.71
N ILE A 149 -4.67 2.15 -23.69
CA ILE A 149 -3.42 2.86 -23.86
C ILE A 149 -2.26 1.94 -24.22
N GLY A 150 -2.27 0.73 -23.70
CA GLY A 150 -1.17 -0.19 -23.95
C GLY A 150 -0.17 -0.04 -22.80
N GLU A 151 0.94 -0.77 -22.89
CA GLU A 151 1.97 -0.75 -21.85
C GLU A 151 2.51 0.63 -21.52
N ASP A 152 2.39 1.56 -22.46
CA ASP A 152 2.89 2.91 -22.25
C ASP A 152 2.20 3.64 -21.08
N TYR A 153 1.07 3.10 -20.60
CA TYR A 153 0.38 3.74 -19.49
C TYR A 153 1.24 3.69 -18.24
N VAL A 154 2.13 2.71 -18.15
CA VAL A 154 3.02 2.58 -17.00
C VAL A 154 3.97 3.77 -16.97
N ARG A 155 4.60 4.07 -18.11
CA ARG A 155 5.51 5.19 -18.20
C ARG A 155 4.77 6.51 -17.95
N ILE A 156 3.63 6.67 -18.62
CA ILE A 156 2.84 7.89 -18.48
C ILE A 156 2.46 8.16 -17.01
N ALA A 157 2.02 7.14 -16.29
CA ALA A 157 1.62 7.30 -14.90
C ALA A 157 2.79 7.73 -14.02
N PHE A 158 3.90 7.00 -14.10
CA PHE A 158 5.06 7.31 -13.29
C PHE A 158 5.70 8.66 -13.59
N GLU A 159 5.88 8.97 -14.87
CA GLU A 159 6.48 10.25 -15.24
C GLU A 159 5.62 11.42 -14.77
N THR A 160 4.30 11.29 -14.91
CA THR A 160 3.40 12.35 -14.48
C THR A 160 3.50 12.52 -12.96
N ALA A 161 3.46 11.41 -12.23
CA ALA A 161 3.56 11.45 -10.77
C ALA A 161 4.86 12.11 -10.34
N ARG A 162 5.97 11.71 -10.97
CA ARG A 162 7.28 12.24 -10.64
C ARG A 162 7.32 13.76 -10.81
N SER A 163 6.74 14.23 -11.91
CA SER A 163 6.73 15.66 -12.20
C SER A 163 5.85 16.48 -11.25
N VAL A 164 4.71 15.92 -10.87
CA VAL A 164 3.79 16.63 -9.97
C VAL A 164 4.31 16.75 -8.54
N ASP A 165 4.87 15.67 -7.99
CA ASP A 165 5.41 15.70 -6.63
C ASP A 165 6.70 14.90 -6.56
N PRO A 166 7.83 15.55 -6.84
CA PRO A 166 9.13 14.89 -6.81
C PRO A 166 9.57 14.45 -5.42
N ASN A 167 8.84 14.88 -4.39
CA ASN A 167 9.15 14.52 -3.00
C ASN A 167 8.63 13.13 -2.62
N ALA A 168 7.61 12.66 -3.32
CA ALA A 168 7.03 11.36 -3.02
C ALA A 168 7.73 10.17 -3.67
N LYS A 169 7.78 9.05 -2.94
CA LYS A 169 8.34 7.79 -3.43
C LYS A 169 7.22 7.18 -4.28
N LEU A 170 7.54 6.82 -5.52
CA LEU A 170 6.55 6.26 -6.43
C LEU A 170 6.61 4.75 -6.47
N TYR A 171 5.50 4.13 -6.09
CA TYR A 171 5.39 2.67 -6.02
C TYR A 171 4.43 2.00 -6.98
N ILE A 172 4.74 0.74 -7.29
CA ILE A 172 3.87 -0.13 -8.08
C ILE A 172 3.53 -1.15 -6.99
N ASN A 173 2.25 -1.40 -6.75
CA ASN A 173 1.80 -2.28 -5.66
C ASN A 173 1.04 -3.49 -6.19
N ASP A 174 1.19 -4.64 -5.54
CA ASP A 174 0.48 -5.86 -5.94
C ASP A 174 0.42 -6.91 -4.85
N TYR A 175 -0.53 -7.85 -4.98
CA TYR A 175 -0.69 -8.93 -4.02
C TYR A 175 -0.16 -10.22 -4.63
N ASN A 176 -0.01 -11.25 -3.80
CA ASN A 176 0.50 -12.55 -4.23
C ASN A 176 1.96 -12.52 -4.68
N LEU A 177 2.74 -11.61 -4.08
CA LEU A 177 4.17 -11.50 -4.36
C LEU A 177 4.74 -12.05 -3.06
N ASP A 178 4.23 -13.21 -2.67
CA ASP A 178 4.54 -13.79 -1.37
C ASP A 178 5.55 -14.93 -1.19
N SER A 179 6.15 -15.39 -2.28
CA SER A 179 7.17 -16.43 -2.18
C SER A 179 8.05 -16.35 -3.41
N ALA A 180 9.35 -16.55 -3.21
CA ALA A 180 10.28 -16.51 -4.35
C ALA A 180 9.89 -17.60 -5.33
N GLY A 181 10.07 -17.34 -6.62
CA GLY A 181 9.76 -18.34 -7.62
C GLY A 181 8.35 -18.33 -8.17
N TYR A 182 7.44 -17.66 -7.46
CA TYR A 182 6.06 -17.58 -7.94
C TYR A 182 6.03 -16.79 -9.24
N SER A 183 5.19 -17.21 -10.18
CA SER A 183 5.10 -16.56 -11.48
C SER A 183 4.88 -15.06 -11.44
N LYS A 184 4.03 -14.60 -10.52
CA LYS A 184 3.73 -13.17 -10.38
C LYS A 184 4.94 -12.40 -9.88
N VAL A 185 5.71 -13.02 -8.99
CA VAL A 185 6.93 -12.39 -8.47
C VAL A 185 7.94 -12.24 -9.64
N ASN A 186 8.10 -13.31 -10.41
CA ASN A 186 9.01 -13.28 -11.56
C ASN A 186 8.62 -12.21 -12.57
N GLY A 187 7.32 -12.08 -12.84
CA GLY A 187 6.84 -11.09 -13.79
C GLY A 187 7.06 -9.67 -13.31
N MET A 188 6.84 -9.43 -12.02
CA MET A 188 7.05 -8.11 -11.42
C MET A 188 8.52 -7.71 -11.59
N VAL A 189 9.42 -8.61 -11.21
CA VAL A 189 10.84 -8.34 -11.32
C VAL A 189 11.29 -8.04 -12.75
N SER A 190 10.91 -8.90 -13.70
CA SER A 190 11.33 -8.70 -15.09
C SER A 190 10.80 -7.40 -15.70
N HIS A 191 9.54 -7.09 -15.45
CA HIS A 191 8.94 -5.87 -15.99
C HIS A 191 9.57 -4.62 -15.37
N VAL A 192 9.73 -4.60 -14.05
CA VAL A 192 10.33 -3.44 -13.38
C VAL A 192 11.78 -3.23 -13.83
N LYS A 193 12.53 -4.30 -14.04
CA LYS A 193 13.92 -4.18 -14.52
C LYS A 193 13.88 -3.48 -15.88
N LYS A 194 12.97 -3.93 -16.74
CA LYS A 194 12.83 -3.35 -18.07
C LYS A 194 12.44 -1.88 -18.01
N TRP A 195 11.44 -1.58 -17.18
CA TRP A 195 10.93 -0.22 -17.04
C TRP A 195 11.97 0.75 -16.50
N LEU A 196 12.72 0.29 -15.49
CA LEU A 196 13.79 1.10 -14.91
C LEU A 196 14.88 1.34 -15.93
N ALA A 197 15.22 0.31 -16.68
CA ALA A 197 16.24 0.41 -17.72
C ALA A 197 15.79 1.42 -18.78
N ALA A 198 14.49 1.53 -18.96
CA ALA A 198 13.91 2.46 -19.93
C ALA A 198 13.78 3.88 -19.39
N GLY A 199 14.17 4.08 -18.13
CA GLY A 199 14.11 5.41 -17.53
C GLY A 199 12.81 5.78 -16.82
N ILE A 200 11.92 4.80 -16.62
CA ILE A 200 10.65 5.07 -15.94
C ILE A 200 10.95 5.20 -14.44
N PRO A 201 10.50 6.30 -13.82
CA PRO A 201 10.73 6.53 -12.39
C PRO A 201 9.92 5.72 -11.37
N ILE A 202 10.35 4.49 -11.12
CA ILE A 202 9.70 3.61 -10.14
C ILE A 202 10.61 3.49 -8.92
N ASP A 203 10.26 4.16 -7.83
CA ASP A 203 11.08 4.14 -6.61
C ASP A 203 10.93 2.89 -5.78
N GLY A 204 9.74 2.29 -5.78
CA GLY A 204 9.55 1.10 -4.98
C GLY A 204 8.51 0.13 -5.45
N ILE A 205 8.56 -1.06 -4.87
CA ILE A 205 7.62 -2.12 -5.15
C ILE A 205 6.89 -2.40 -3.85
N GLY A 206 5.57 -2.34 -3.88
CA GLY A 206 4.78 -2.63 -2.71
C GLY A 206 4.22 -4.03 -2.79
N SER A 207 4.40 -4.80 -1.74
CA SER A 207 3.89 -6.16 -1.67
C SER A 207 2.77 -6.17 -0.64
N GLN A 208 1.54 -6.34 -1.10
CA GLN A 208 0.38 -6.33 -0.21
C GLN A 208 0.51 -7.29 0.97
N THR A 209 0.85 -8.53 0.71
CA THR A 209 1.05 -9.52 1.75
C THR A 209 -0.24 -9.88 2.52
N HIS A 210 -1.28 -10.26 1.77
CA HIS A 210 -2.54 -10.71 2.35
C HIS A 210 -2.33 -12.21 2.41
N LEU A 211 -2.01 -12.70 3.61
CA LEU A 211 -1.68 -14.09 3.83
C LEU A 211 -2.66 -15.02 4.53
N GLY A 212 -2.48 -16.31 4.25
CA GLY A 212 -3.25 -17.36 4.89
C GLY A 212 -2.36 -17.82 6.03
N ALA A 213 -2.88 -18.67 6.92
CA ALA A 213 -2.10 -19.17 8.05
C ALA A 213 -0.90 -20.00 7.57
N GLY A 214 0.23 -19.83 8.24
CA GLY A 214 1.43 -20.56 7.88
C GLY A 214 2.25 -20.02 6.70
N ALA A 215 1.77 -18.97 6.04
CA ALA A 215 2.47 -18.41 4.89
C ALA A 215 3.54 -17.35 5.19
N GLY A 216 3.70 -16.99 6.46
CA GLY A 216 4.67 -15.97 6.82
C GLY A 216 6.14 -16.25 6.53
N SER A 217 6.58 -17.48 6.71
CA SER A 217 7.98 -17.83 6.47
C SER A 217 8.47 -17.71 5.03
N ALA A 218 7.54 -17.72 4.07
CA ALA A 218 7.92 -17.61 2.66
C ALA A 218 8.18 -16.16 2.24
N VAL A 219 7.73 -15.22 3.06
CA VAL A 219 7.89 -13.80 2.77
C VAL A 219 9.34 -13.30 2.66
N ALA A 220 10.24 -13.79 3.51
CA ALA A 220 11.63 -13.36 3.44
C ALA A 220 12.23 -13.54 2.04
N GLY A 221 12.05 -14.73 1.47
CA GLY A 221 12.57 -15.00 0.14
C GLY A 221 11.92 -14.15 -0.93
N ALA A 222 10.61 -13.91 -0.77
CA ALA A 222 9.88 -13.08 -1.72
C ALA A 222 10.47 -11.69 -1.78
N LEU A 223 10.76 -11.11 -0.61
CA LEU A 223 11.34 -9.78 -0.54
C LEU A 223 12.72 -9.78 -1.18
N ASN A 224 13.48 -10.86 -0.96
CA ASN A 224 14.81 -10.98 -1.56
C ASN A 224 14.70 -10.99 -3.07
N ALA A 225 13.75 -11.76 -3.59
CA ALA A 225 13.55 -11.83 -5.04
C ALA A 225 13.13 -10.45 -5.58
N LEU A 226 12.22 -9.77 -4.87
CA LEU A 226 11.75 -8.44 -5.29
C LEU A 226 12.89 -7.42 -5.28
N ALA A 227 13.85 -7.61 -4.40
CA ALA A 227 15.00 -6.73 -4.30
C ALA A 227 15.79 -6.69 -5.62
N SER A 228 15.76 -7.79 -6.37
CA SER A 228 16.48 -7.88 -7.66
C SER A 228 15.86 -7.07 -8.79
N ALA A 229 14.67 -6.50 -8.56
CA ALA A 229 14.03 -5.69 -9.59
C ALA A 229 14.84 -4.41 -9.81
N GLY A 230 15.60 -4.02 -8.80
CA GLY A 230 16.42 -2.83 -8.92
C GLY A 230 15.87 -1.52 -8.41
N THR A 231 14.72 -1.56 -7.73
CA THR A 231 14.17 -0.33 -7.19
C THR A 231 14.93 0.10 -5.94
N LYS A 232 14.88 1.38 -5.63
CA LYS A 232 15.52 1.94 -4.45
C LYS A 232 15.00 1.28 -3.17
N GLU A 233 13.69 1.00 -3.12
CA GLU A 233 13.11 0.40 -1.93
C GLU A 233 11.91 -0.48 -2.23
N ILE A 234 11.45 -1.17 -1.20
CA ILE A 234 10.27 -2.04 -1.25
C ILE A 234 9.58 -1.91 0.11
N ALA A 235 8.33 -2.34 0.18
CA ALA A 235 7.60 -2.27 1.44
C ALA A 235 6.44 -3.26 1.49
N ILE A 236 6.10 -3.72 2.69
CA ILE A 236 4.97 -4.62 2.89
C ILE A 236 3.88 -3.58 3.13
N THR A 237 2.91 -3.54 2.21
CA THR A 237 1.86 -2.53 2.23
C THR A 237 0.48 -2.79 2.81
N GLU A 238 0.03 -4.04 2.80
CA GLU A 238 -1.32 -4.35 3.30
C GLU A 238 -1.35 -5.67 4.06
N LEU A 239 -0.50 -5.77 5.06
CA LEU A 239 -0.36 -6.98 5.83
C LEU A 239 -1.52 -7.42 6.72
N ASP A 240 -1.92 -8.67 6.53
CA ASP A 240 -2.93 -9.34 7.35
C ASP A 240 -2.76 -10.84 7.14
N ILE A 241 -2.93 -11.60 8.21
CA ILE A 241 -2.73 -13.05 8.16
C ILE A 241 -3.86 -13.80 8.85
N ALA A 242 -4.56 -14.64 8.09
CA ALA A 242 -5.67 -15.43 8.66
C ALA A 242 -5.16 -16.15 9.90
N GLY A 243 -5.86 -15.93 11.02
CA GLY A 243 -5.48 -16.57 12.27
C GLY A 243 -4.54 -15.76 13.16
N ALA A 244 -3.82 -14.82 12.57
CA ALA A 244 -2.88 -13.95 13.28
C ALA A 244 -1.93 -14.65 14.26
N SER A 245 -1.39 -15.80 13.88
CA SER A 245 -0.48 -16.52 14.76
C SER A 245 0.79 -15.69 14.97
N SER A 246 1.40 -15.84 16.14
CA SER A 246 2.62 -15.12 16.47
C SER A 246 3.78 -15.52 15.54
N THR A 247 3.88 -16.81 15.24
CA THR A 247 4.93 -17.32 14.33
C THR A 247 4.84 -16.62 12.97
N ASP A 248 3.64 -16.57 12.39
CA ASP A 248 3.42 -15.93 11.10
C ASP A 248 3.79 -14.47 11.10
N TYR A 249 3.27 -13.74 12.07
CA TYR A 249 3.53 -12.31 12.17
C TYR A 249 4.99 -11.98 12.45
N VAL A 250 5.63 -12.77 13.31
CA VAL A 250 7.04 -12.53 13.61
C VAL A 250 7.88 -12.85 12.37
N ASN A 251 7.52 -13.91 11.65
CA ASN A 251 8.22 -14.28 10.42
C ASN A 251 8.17 -13.15 9.39
N VAL A 252 7.01 -12.51 9.26
CA VAL A 252 6.88 -11.42 8.30
C VAL A 252 7.66 -10.18 8.75
N VAL A 253 7.60 -9.87 10.03
CA VAL A 253 8.31 -8.73 10.59
C VAL A 253 9.82 -8.92 10.38
N ASN A 254 10.30 -10.13 10.63
CA ASN A 254 11.72 -10.46 10.45
C ASN A 254 12.13 -10.41 8.97
N ALA A 255 11.20 -10.76 8.09
CA ALA A 255 11.45 -10.73 6.64
C ALA A 255 11.82 -9.32 6.20
N CYS A 256 11.06 -8.33 6.68
CA CYS A 256 11.33 -6.93 6.35
C CYS A 256 12.61 -6.49 7.05
N LEU A 257 12.70 -6.82 8.33
CA LEU A 257 13.83 -6.45 9.17
C LEU A 257 15.20 -6.80 8.58
N ASN A 258 15.30 -8.01 8.01
CA ASN A 258 16.54 -8.52 7.45
C ASN A 258 16.79 -8.23 5.99
N GLN A 259 15.97 -7.36 5.41
CA GLN A 259 16.11 -6.96 4.02
C GLN A 259 16.32 -5.45 3.99
N ALA A 260 17.50 -5.02 3.51
CA ALA A 260 17.86 -3.60 3.43
C ALA A 260 16.84 -2.69 2.72
N LYS A 261 16.27 -3.18 1.62
CA LYS A 261 15.33 -2.38 0.84
C LYS A 261 13.94 -2.18 1.44
N CYS A 262 13.56 -3.02 2.40
CA CYS A 262 12.25 -2.92 3.02
C CYS A 262 12.22 -1.77 4.04
N VAL A 263 11.52 -0.70 3.70
CA VAL A 263 11.47 0.47 4.56
C VAL A 263 10.39 0.42 5.63
N GLY A 264 9.45 -0.49 5.52
CA GLY A 264 8.41 -0.56 6.53
C GLY A 264 7.29 -1.53 6.20
N ILE A 265 6.37 -1.66 7.15
CA ILE A 265 5.22 -2.54 7.03
C ILE A 265 3.97 -1.76 7.39
N THR A 266 2.91 -1.97 6.63
CA THR A 266 1.62 -1.34 6.91
C THR A 266 0.69 -2.53 7.12
N VAL A 267 0.08 -2.60 8.30
CA VAL A 267 -0.87 -3.67 8.61
C VAL A 267 -2.23 -3.15 8.12
N TRP A 268 -2.95 -3.96 7.35
CA TRP A 268 -4.22 -3.54 6.77
C TRP A 268 -5.40 -3.51 7.74
N GLY A 269 -5.33 -2.63 8.73
CA GLY A 269 -6.38 -2.50 9.72
C GLY A 269 -5.79 -2.58 11.11
N VAL A 270 -6.55 -2.13 12.10
CA VAL A 270 -6.09 -2.16 13.48
C VAL A 270 -6.69 -3.35 14.24
N ALA A 271 -8.01 -3.38 14.36
CA ALA A 271 -8.69 -4.45 15.09
C ALA A 271 -9.54 -5.34 14.21
N ASP A 272 -9.54 -6.62 14.52
CA ASP A 272 -10.29 -7.64 13.77
C ASP A 272 -11.67 -7.26 13.27
N PRO A 273 -12.52 -6.67 14.13
CA PRO A 273 -13.87 -6.30 13.65
C PRO A 273 -13.89 -5.36 12.45
N ASP A 274 -12.83 -4.56 12.30
CA ASP A 274 -12.74 -3.62 11.18
C ASP A 274 -11.99 -4.14 9.95
N SER A 275 -11.61 -5.41 10.00
CA SER A 275 -10.88 -6.03 8.90
C SER A 275 -11.78 -6.39 7.73
N TRP A 276 -11.27 -6.21 6.53
CA TRP A 276 -12.01 -6.59 5.33
C TRP A 276 -12.10 -8.12 5.24
N ARG A 277 -11.34 -8.79 6.10
CA ARG A 277 -11.31 -10.25 6.20
C ARG A 277 -11.60 -10.60 7.66
N SER A 278 -12.51 -9.86 8.30
CA SER A 278 -12.82 -10.06 9.73
C SER A 278 -13.12 -11.50 10.17
N SER A 279 -13.75 -12.30 9.32
CA SER A 279 -14.07 -13.67 9.69
C SER A 279 -12.81 -14.50 9.92
N SER A 280 -11.67 -14.01 9.44
CA SER A 280 -10.43 -14.74 9.62
C SER A 280 -9.59 -14.20 10.77
N SER A 281 -10.12 -13.20 11.50
CA SER A 281 -9.40 -12.57 12.63
C SER A 281 -7.92 -12.47 12.27
N PRO A 282 -7.60 -11.71 11.22
CA PRO A 282 -6.23 -11.54 10.74
C PRO A 282 -5.39 -10.37 11.22
N LEU A 283 -5.85 -9.63 12.20
CA LEU A 283 -5.13 -8.45 12.69
C LEU A 283 -4.47 -8.57 14.07
N LEU A 284 -3.82 -7.50 14.50
CA LEU A 284 -3.09 -7.48 15.76
C LEU A 284 -3.88 -7.10 17.02
N PHE A 285 -5.07 -6.52 16.84
CA PHE A 285 -5.93 -6.16 17.97
C PHE A 285 -7.27 -6.88 17.80
N ASP A 286 -7.86 -7.28 18.91
CA ASP A 286 -9.11 -8.03 18.87
C ASP A 286 -10.41 -7.21 18.84
N GLY A 287 -11.53 -7.90 19.04
CA GLY A 287 -12.83 -7.27 19.05
C GLY A 287 -13.04 -6.25 20.15
N ASN A 288 -12.19 -6.33 21.18
CA ASN A 288 -12.26 -5.39 22.30
C ASN A 288 -11.20 -4.32 22.12
N TYR A 289 -10.57 -4.32 20.94
CA TYR A 289 -9.51 -3.37 20.61
C TYR A 289 -8.34 -3.48 21.58
N ASN A 290 -8.06 -4.73 21.96
CA ASN A 290 -6.96 -5.06 22.86
C ASN A 290 -5.90 -5.82 22.06
N PRO A 291 -4.62 -5.65 22.41
CA PRO A 291 -3.52 -6.33 21.72
C PRO A 291 -3.63 -7.84 21.77
N LYS A 292 -3.45 -8.50 20.64
CA LYS A 292 -3.51 -9.94 20.56
C LYS A 292 -2.11 -10.50 20.86
N ALA A 293 -1.98 -11.83 20.85
CA ALA A 293 -0.71 -12.48 21.14
C ALA A 293 0.36 -12.02 20.14
N ALA A 294 0.01 -11.99 18.87
CA ALA A 294 0.92 -11.58 17.81
C ALA A 294 1.52 -10.20 18.00
N TYR A 295 0.74 -9.28 18.57
CA TYR A 295 1.25 -7.92 18.80
C TYR A 295 2.40 -7.98 19.78
N ASN A 296 2.21 -8.72 20.87
CA ASN A 296 3.24 -8.85 21.89
C ASN A 296 4.44 -9.64 21.35
N ALA A 297 4.18 -10.65 20.54
CA ALA A 297 5.24 -11.45 19.94
C ALA A 297 6.14 -10.52 19.12
N ILE A 298 5.53 -9.66 18.32
CA ILE A 298 6.25 -8.70 17.50
C ILE A 298 7.07 -7.74 18.38
N ALA A 299 6.46 -7.24 19.46
CA ALA A 299 7.13 -6.31 20.36
C ALA A 299 8.36 -6.95 20.99
N ASN A 300 8.26 -8.23 21.32
CA ASN A 300 9.38 -8.92 21.94
C ASN A 300 10.43 -9.44 20.95
N ALA A 301 10.08 -9.47 19.67
CA ALA A 301 11.02 -9.91 18.63
C ALA A 301 11.86 -8.73 18.14
N LEU A 302 11.50 -7.52 18.57
CA LEU A 302 12.21 -6.32 18.19
C LEU A 302 12.97 -5.76 19.38
NA NA B . 13.92 -3.81 -5.97
NA NA C . 8.05 11.61 -7.16
NA NA D . 3.93 0.00 3.76
NA NA E . -4.29 -1.39 -14.73
NA NA F . -12.26 11.53 -0.91
NA NA G . -7.74 4.92 -0.32
C TRS H . 6.84 -21.96 9.71
C1 TRS H . 7.35 -23.10 10.58
C2 TRS H . 6.91 -22.43 8.26
C3 TRS H . 5.58 -21.29 10.15
N TRS H . 7.74 -21.04 9.80
O1 TRS H . 6.31 -24.03 10.82
O2 TRS H . 8.25 -22.56 7.82
O3 TRS H . 5.05 -20.42 9.17
C TRS I . -14.76 16.81 11.63
C1 TRS I . -13.40 17.37 11.21
C2 TRS I . -15.13 15.70 10.65
C3 TRS I . -14.94 16.48 13.07
N TRS I . -15.60 17.75 11.41
O1 TRS I . -13.35 17.68 9.83
O2 TRS I . -15.11 16.14 9.31
O3 TRS I . -13.72 16.52 13.76
C1 GOL J . -5.22 19.69 1.62
O1 GOL J . -4.00 18.97 1.65
C2 GOL J . -6.04 19.39 2.87
O2 GOL J . -5.25 19.64 4.04
C3 GOL J . -7.28 20.28 2.89
O3 GOL J . -7.95 20.21 4.14
C1 GOL K . 19.83 -10.63 -11.94
O1 GOL K . 19.31 -10.44 -13.24
C2 GOL K . 19.81 -9.31 -11.19
O2 GOL K . 18.50 -8.75 -11.17
C3 GOL K . 20.32 -9.54 -9.77
O3 GOL K . 20.42 -8.32 -9.08
C1 GOL L . -16.29 4.46 1.37
O1 GOL L . -15.38 3.41 1.69
C2 GOL L . -15.68 5.83 1.70
O2 GOL L . -14.98 5.80 2.95
C3 GOL L . -14.78 6.32 0.58
O3 GOL L . -14.28 7.62 0.87
C1 GOL M . 18.20 -4.34 10.82
O1 GOL M . 19.50 -4.28 10.29
C2 GOL M . 18.25 -4.69 12.31
O2 GOL M . 18.84 -5.97 12.51
C3 GOL M . 19.05 -3.64 13.06
O3 GOL M . 19.32 -4.08 14.38
C1 GOL N . -7.72 -2.23 -1.14
O1 GOL N . -6.93 -1.10 -1.21
C2 GOL N . -6.94 -3.52 -0.91
O2 GOL N . -7.04 -3.96 0.45
C3 GOL N . -7.30 -4.59 -1.91
O3 GOL N . -6.21 -5.48 -2.11
C1 GOL O . 5.42 5.29 17.91
O1 GOL O . 4.73 4.29 17.21
C2 GOL O . 4.72 6.63 17.74
O2 GOL O . 4.67 7.31 19.00
C3 GOL O . 5.43 7.50 16.70
O3 GOL O . 6.63 8.07 17.23
C1 GOL P . -12.14 -1.46 -0.19
O1 GOL P . -13.51 -1.45 0.02
C2 GOL P . -11.36 -2.48 0.60
O2 GOL P . -10.24 -2.95 -0.16
C3 GOL P . -10.90 -1.94 1.95
O3 GOL P . -10.26 -2.98 2.72
#